data_9JTP
#
_entry.id   9JTP
#
_cell.length_a   43.120
_cell.length_b   63.247
_cell.length_c   72.894
_cell.angle_alpha   90.00
_cell.angle_beta   90.00
_cell.angle_gamma   90.00
#
_symmetry.space_group_name_H-M   'P 21 21 21'
#
loop_
_entity.id
_entity.type
_entity.pdbx_description
1 polymer 'Basic chitinase'
2 non-polymer 'ACETIC ACID'
3 water water
#
_entity_poly.entity_id   1
_entity_poly.type   'polypeptide(L)'
_entity_poly.pdbx_seq_one_letter_code
;DVSSIITSQIFNQMLLHRNDNACPANGFYSYQAFINAARKFSGFGTTGDTNTRKNELAAFFGQTSHETTGGWSTAPDGPY
AWGYCFKQQQGNPGDYCVPSSTYPCAPGKKYYGRGPIQISYNYNYGLCGAAINQPLLSNPGLVASDADISFETAIWFWMT
PQGNKPSCHAVATGQWNPSSADQAAGRVPGYGVITNIINGGVECGQGEKAEVANRIGFYQRYCSIFGISPGQNLDCYNQR
PFS
;
_entity_poly.pdbx_strand_id   A
#
loop_
_chem_comp.id
_chem_comp.type
_chem_comp.name
_chem_comp.formula
ACY non-polymer 'ACETIC ACID' 'C2 H4 O2'
#
# COMPACT_ATOMS: atom_id res chain seq x y z
N ASP A 1 -17.87 11.07 2.91
CA ASP A 1 -16.75 10.90 3.86
C ASP A 1 -16.33 9.44 3.89
N VAL A 2 -15.01 9.21 3.99
CA VAL A 2 -14.45 7.83 3.94
C VAL A 2 -14.92 7.05 5.16
N SER A 3 -15.23 7.70 6.28
CA SER A 3 -15.68 7.00 7.51
C SER A 3 -17.08 6.41 7.33
N SER A 4 -17.83 6.83 6.32
CA SER A 4 -19.18 6.26 6.05
C SER A 4 -19.03 4.89 5.39
N ILE A 5 -17.85 4.57 4.83
CA ILE A 5 -17.59 3.27 4.13
C ILE A 5 -16.82 2.35 5.06
N ILE A 6 -15.74 2.85 5.66
CA ILE A 6 -14.90 2.04 6.59
C ILE A 6 -15.06 2.60 8.00
N THR A 7 -15.69 1.83 8.86
CA THR A 7 -15.85 2.07 10.32
C THR A 7 -14.65 1.54 11.11
N SER A 8 -14.56 1.91 12.40
CA SER A 8 -13.51 1.38 13.30
C SER A 8 -13.62 -0.15 13.35
N GLN A 9 -14.83 -0.71 13.40
CA GLN A 9 -14.97 -2.19 13.46
C GLN A 9 -14.45 -2.86 12.19
N ILE A 10 -14.74 -2.31 11.01
CA ILE A 10 -14.26 -2.90 9.71
C ILE A 10 -12.71 -2.83 9.71
N PHE A 11 -12.16 -1.68 10.07
CA PHE A 11 -10.69 -1.44 10.19
C PHE A 11 -10.07 -2.48 11.12
N ASN A 12 -10.63 -2.65 12.32
CA ASN A 12 -10.06 -3.51 13.36
C ASN A 12 -10.27 -5.00 13.05
N GLN A 13 -11.39 -5.34 12.45
CA GLN A 13 -11.64 -6.75 12.03
C GLN A 13 -10.72 -7.13 10.85
N MET A 14 -10.45 -6.21 9.94
CA MET A 14 -9.46 -6.50 8.88
C MET A 14 -8.09 -6.71 9.53
N LEU A 15 -7.63 -5.74 10.34
CA LEU A 15 -6.28 -5.71 10.97
C LEU A 15 -6.39 -6.28 12.39
N LEU A 16 -6.84 -7.52 12.47
CA LEU A 16 -7.26 -8.19 13.73
C LEU A 16 -6.07 -8.41 14.65
N HIS A 17 -4.91 -8.87 14.16
CA HIS A 17 -3.79 -9.27 15.06
C HIS A 17 -2.70 -8.20 15.08
N ARG A 18 -2.91 -7.04 14.44
CA ARG A 18 -1.83 -6.03 14.33
C ARG A 18 -1.31 -5.62 15.72
N ASN A 19 -2.14 -5.73 16.75
CA ASN A 19 -1.78 -5.18 18.09
C ASN A 19 -1.39 -6.30 19.05
N ASP A 20 -1.22 -7.53 18.55
CA ASP A 20 -0.70 -8.64 19.40
C ASP A 20 0.74 -8.29 19.80
N ASN A 21 1.22 -8.79 20.94
CA ASN A 21 2.51 -8.39 21.54
C ASN A 21 3.64 -8.76 20.58
N ALA A 22 3.43 -9.79 19.75
CA ALA A 22 4.38 -10.30 18.74
C ALA A 22 4.62 -9.23 17.65
N CYS A 23 3.67 -8.33 17.43
CA CYS A 23 3.79 -7.29 16.36
C CYS A 23 4.50 -6.05 16.90
N PRO A 24 5.72 -5.70 16.41
CA PRO A 24 6.48 -4.57 16.95
C PRO A 24 5.79 -3.21 16.80
N ALA A 25 4.87 -3.03 15.84
CA ALA A 25 4.13 -1.76 15.68
C ALA A 25 2.87 -1.71 16.59
N ASN A 26 2.67 -2.66 17.53
CA ASN A 26 1.38 -2.73 18.27
C ASN A 26 1.10 -1.35 18.85
N GLY A 27 -0.12 -0.87 18.63
CA GLY A 27 -0.70 0.38 19.16
C GLY A 27 -0.36 1.58 18.31
N PHE A 28 0.39 1.41 17.21
CA PHE A 28 0.80 2.55 16.35
C PHE A 28 -0.34 2.94 15.40
N TYR A 29 -0.86 1.95 14.67
CA TYR A 29 -1.82 2.18 13.57
C TYR A 29 -3.22 2.25 14.15
N SER A 30 -3.69 3.47 14.42
CA SER A 30 -5.05 3.71 14.96
C SER A 30 -6.01 3.99 13.79
N TYR A 31 -7.27 3.67 13.97
CA TYR A 31 -8.33 4.07 13.03
C TYR A 31 -8.35 5.60 12.86
N GLN A 32 -8.24 6.34 13.96
CA GLN A 32 -8.28 7.82 13.92
C GLN A 32 -7.18 8.36 13.00
N ALA A 33 -5.97 7.82 13.13
CA ALA A 33 -4.84 8.29 12.30
C ALA A 33 -5.20 8.03 10.84
N PHE A 34 -5.71 6.85 10.56
CA PHE A 34 -6.06 6.51 9.14
C PHE A 34 -7.09 7.49 8.57
N ILE A 35 -8.12 7.76 9.36
CA ILE A 35 -9.22 8.67 8.91
C ILE A 35 -8.66 10.09 8.74
N ASN A 36 -7.88 10.57 9.70
CA ASN A 36 -7.26 11.92 9.63
C ASN A 36 -6.51 12.02 8.30
N ALA A 37 -5.75 10.99 7.94
CA ALA A 37 -4.88 11.02 6.74
C ALA A 37 -5.76 10.91 5.50
N ALA A 38 -6.71 9.98 5.50
CA ALA A 38 -7.52 9.65 4.31
C ALA A 38 -8.34 10.87 3.87
N ARG A 39 -8.85 11.64 4.83
CA ARG A 39 -9.66 12.85 4.55
C ARG A 39 -8.84 13.90 3.85
N LYS A 40 -7.51 13.82 3.86
CA LYS A 40 -6.66 14.84 3.19
C LYS A 40 -6.54 14.55 1.69
N PHE A 41 -6.95 13.37 1.22
CA PHE A 41 -6.82 12.99 -0.21
C PHE A 41 -8.21 12.88 -0.81
N SER A 42 -8.69 13.96 -1.42
CA SER A 42 -10.05 13.97 -2.02
C SER A 42 -10.19 12.83 -3.03
N GLY A 43 -11.28 12.07 -2.95
CA GLY A 43 -11.52 10.96 -3.86
C GLY A 43 -11.11 9.64 -3.25
N PHE A 44 -10.19 9.66 -2.27
CA PHE A 44 -9.70 8.37 -1.69
C PHE A 44 -10.84 7.75 -0.89
N GLY A 45 -11.38 6.63 -1.40
CA GLY A 45 -12.47 5.89 -0.72
C GLY A 45 -13.80 6.63 -0.84
N THR A 46 -13.85 7.67 -1.67
CA THR A 46 -15.07 8.52 -1.88
C THR A 46 -15.40 8.68 -3.36
N THR A 47 -14.85 7.82 -4.23
CA THR A 47 -15.00 7.86 -5.68
C THR A 47 -15.85 6.69 -6.16
N GLY A 48 -16.87 7.00 -6.97
CA GLY A 48 -17.78 6.00 -7.53
C GLY A 48 -18.90 5.62 -6.57
N ASP A 49 -19.54 4.49 -6.85
CA ASP A 49 -20.66 3.99 -6.01
C ASP A 49 -20.09 3.33 -4.76
N THR A 50 -20.93 2.92 -3.82
CA THR A 50 -20.45 2.33 -2.55
C THR A 50 -19.59 1.09 -2.83
N ASN A 51 -19.92 0.27 -3.83
CA ASN A 51 -19.11 -0.94 -4.14
C ASN A 51 -17.70 -0.52 -4.58
N THR A 52 -17.62 0.55 -5.37
CA THR A 52 -16.34 1.09 -5.87
C THR A 52 -15.51 1.58 -4.67
N ARG A 53 -16.13 2.38 -3.81
CA ARG A 53 -15.47 2.91 -2.58
C ARG A 53 -14.97 1.75 -1.73
N LYS A 54 -15.83 0.75 -1.48
CA LYS A 54 -15.38 -0.40 -0.67
C LYS A 54 -14.25 -1.13 -1.38
N ASN A 55 -14.32 -1.26 -2.69
CA ASN A 55 -13.30 -2.03 -3.46
C ASN A 55 -11.95 -1.28 -3.33
N GLU A 56 -11.98 0.03 -3.44
CA GLU A 56 -10.72 0.82 -3.31
C GLU A 56 -10.11 0.63 -1.91
N LEU A 57 -10.90 0.71 -0.84
CA LEU A 57 -10.38 0.49 0.52
C LEU A 57 -9.91 -0.95 0.69
N ALA A 58 -10.64 -1.92 0.13
CA ALA A 58 -10.27 -3.34 0.19
C ALA A 58 -8.90 -3.53 -0.49
N ALA A 59 -8.70 -2.90 -1.63
CA ALA A 59 -7.45 -3.02 -2.44
C ALA A 59 -6.32 -2.30 -1.70
N PHE A 60 -6.62 -1.11 -1.19
CA PHE A 60 -5.59 -0.33 -0.46
C PHE A 60 -5.08 -1.13 0.76
N PHE A 61 -6.00 -1.59 1.61
CA PHE A 61 -5.64 -2.38 2.81
C PHE A 61 -5.02 -3.72 2.39
N GLY A 62 -5.48 -4.28 1.27
CA GLY A 62 -4.89 -5.55 0.78
C GLY A 62 -3.39 -5.40 0.52
N GLN A 63 -3.02 -4.34 -0.18
CA GLN A 63 -1.63 -4.14 -0.64
C GLN A 63 -0.74 -3.72 0.51
N THR A 64 -1.20 -2.73 1.27
CA THR A 64 -0.46 -2.25 2.47
C THR A 64 -0.34 -3.34 3.55
N SER A 65 -1.35 -4.21 3.71
CA SER A 65 -1.28 -5.35 4.63
C SER A 65 -0.11 -6.24 4.19
N HIS A 66 0.02 -6.49 2.88
CA HIS A 66 1.17 -7.31 2.38
C HIS A 66 2.50 -6.65 2.76
N GLU A 67 2.64 -5.34 2.54
CA GLU A 67 3.92 -4.65 2.82
C GLU A 67 4.28 -4.75 4.30
N THR A 68 3.29 -4.89 5.17
CA THR A 68 3.52 -4.83 6.64
C THR A 68 3.20 -6.12 7.38
N THR A 69 3.04 -7.24 6.68
CA THR A 69 2.46 -8.48 7.26
C THR A 69 3.43 -9.10 8.25
N GLY A 70 2.92 -9.57 9.40
CA GLY A 70 3.66 -10.42 10.35
C GLY A 70 3.10 -11.82 10.36
N GLY A 71 2.35 -12.18 9.31
CA GLY A 71 1.74 -13.49 9.09
C GLY A 71 2.76 -14.61 8.99
N TRP A 72 2.25 -15.84 9.08
CA TRP A 72 2.95 -17.11 8.77
C TRP A 72 1.92 -18.21 8.49
N SER A 73 2.40 -19.39 8.10
CA SER A 73 1.54 -20.48 7.55
C SER A 73 0.47 -20.86 8.60
N THR A 74 0.89 -20.91 9.86
CA THR A 74 0.12 -21.44 11.03
C THR A 74 -0.23 -20.28 11.98
N ALA A 75 -0.56 -19.10 11.42
CA ALA A 75 -0.90 -17.93 12.24
C ALA A 75 -2.39 -17.99 12.57
N PRO A 76 -2.76 -17.57 13.78
CA PRO A 76 -4.16 -17.56 14.19
C PRO A 76 -5.04 -16.70 13.26
N ASP A 77 -6.19 -17.24 12.84
CA ASP A 77 -7.18 -16.65 11.93
C ASP A 77 -6.61 -16.52 10.51
N GLY A 78 -5.56 -17.25 10.17
CA GLY A 78 -4.95 -17.25 8.83
C GLY A 78 -3.90 -16.15 8.68
N PRO A 79 -2.98 -16.28 7.69
CA PRO A 79 -1.96 -15.26 7.47
C PRO A 79 -2.53 -13.89 7.04
N TYR A 80 -3.77 -13.85 6.54
CA TYR A 80 -4.45 -12.64 6.00
C TYR A 80 -5.15 -11.87 7.15
N ALA A 81 -4.86 -12.22 8.41
CA ALA A 81 -5.33 -11.47 9.59
C ALA A 81 -4.19 -10.70 10.25
N TRP A 82 -2.97 -10.77 9.70
CA TRP A 82 -1.73 -10.28 10.32
C TRP A 82 -1.15 -9.10 9.54
N GLY A 83 -1.98 -8.41 8.77
CA GLY A 83 -1.60 -7.10 8.20
C GLY A 83 -1.14 -6.07 9.24
N TYR A 84 -0.21 -5.17 8.90
CA TYR A 84 0.06 -3.94 9.68
C TYR A 84 0.72 -4.29 11.01
N CYS A 85 1.41 -5.42 11.02
CA CYS A 85 2.23 -5.91 12.14
C CYS A 85 3.51 -5.07 12.31
N PHE A 86 4.06 -4.55 11.20
CA PHE A 86 5.32 -3.78 11.18
C PHE A 86 5.06 -2.35 10.71
N LYS A 87 5.94 -1.44 11.12
CA LYS A 87 5.97 -0.06 10.60
C LYS A 87 7.35 0.30 10.04
N GLN A 88 8.37 -0.54 10.24
CA GLN A 88 9.76 -0.30 9.76
C GLN A 88 10.26 -1.58 9.11
N GLN A 89 11.04 -1.48 8.03
CA GLN A 89 11.60 -2.64 7.31
C GLN A 89 12.39 -3.50 8.30
N GLN A 90 12.18 -4.81 8.24
CA GLN A 90 12.86 -5.83 9.08
C GLN A 90 14.22 -6.19 8.46
N GLY A 91 15.01 -6.98 9.18
CA GLY A 91 16.45 -7.16 8.90
C GLY A 91 17.21 -6.03 9.56
N ASN A 92 18.44 -5.79 9.12
CA ASN A 92 19.23 -4.57 9.42
C ASN A 92 19.33 -3.82 8.10
N PRO A 93 18.23 -3.20 7.59
CA PRO A 93 18.31 -2.57 6.28
C PRO A 93 19.34 -1.43 6.34
N GLY A 94 19.95 -1.13 5.21
CA GLY A 94 20.91 -0.02 5.08
C GLY A 94 20.20 1.30 4.91
N ASP A 95 20.90 2.30 4.38
CA ASP A 95 20.41 3.69 4.39
C ASP A 95 19.47 3.97 3.22
N TYR A 96 19.37 3.07 2.23
CA TYR A 96 18.53 3.31 1.04
C TYR A 96 18.83 4.71 0.47
N CYS A 97 20.11 5.06 0.46
CA CYS A 97 20.58 6.32 -0.12
C CYS A 97 21.03 6.07 -1.57
N VAL A 98 20.38 6.72 -2.51
CA VAL A 98 20.78 6.78 -3.94
C VAL A 98 20.92 8.25 -4.28
N PRO A 99 22.17 8.77 -4.32
CA PRO A 99 22.43 10.21 -4.39
C PRO A 99 21.55 10.88 -5.45
N SER A 100 21.06 12.06 -5.12
CA SER A 100 20.16 12.87 -5.97
C SER A 100 20.45 14.34 -5.68
N SER A 101 20.99 15.04 -6.68
CA SER A 101 21.00 16.52 -6.79
C SER A 101 19.69 17.07 -6.22
N THR A 102 18.53 16.55 -6.67
CA THR A 102 17.15 17.02 -6.33
C THR A 102 16.76 16.70 -4.88
N TYR A 103 16.99 15.47 -4.41
CA TYR A 103 16.57 15.02 -3.05
C TYR A 103 17.75 14.37 -2.36
N PRO A 104 18.75 15.15 -1.88
CA PRO A 104 19.92 14.54 -1.25
C PRO A 104 19.69 13.70 0.03
N CYS A 105 20.48 12.65 0.20
CA CYS A 105 20.55 11.84 1.43
C CYS A 105 21.05 12.71 2.59
N ALA A 106 20.14 13.05 3.51
CA ALA A 106 20.49 13.79 4.75
C ALA A 106 21.51 12.95 5.53
N PRO A 107 22.69 13.51 5.88
CA PRO A 107 23.70 12.74 6.59
C PRO A 107 23.15 12.10 7.85
N GLY A 108 23.44 10.82 8.05
CA GLY A 108 23.05 10.01 9.22
C GLY A 108 21.62 9.49 9.12
N LYS A 109 20.87 9.88 8.09
CA LYS A 109 19.44 9.43 7.96
C LYS A 109 19.34 8.19 7.08
N LYS A 110 18.29 7.39 7.30
CA LYS A 110 18.08 6.15 6.54
C LYS A 110 16.69 6.21 5.90
N TYR A 111 16.58 5.71 4.68
CA TYR A 111 15.32 5.76 3.87
C TYR A 111 14.82 4.34 3.60
N TYR A 112 15.07 3.41 4.52
CA TYR A 112 14.50 2.06 4.42
C TYR A 112 12.98 2.15 4.56
N GLY A 113 12.33 1.05 4.23
CA GLY A 113 10.86 0.94 4.22
C GLY A 113 10.24 1.41 5.51
N ARG A 114 9.25 2.33 5.46
CA ARG A 114 8.45 2.71 6.66
C ARG A 114 6.97 2.83 6.30
N GLY A 115 6.13 2.51 7.29
CA GLY A 115 4.68 2.70 7.14
C GLY A 115 4.03 1.75 6.18
N PRO A 116 2.72 1.96 5.94
CA PRO A 116 1.89 0.97 5.25
C PRO A 116 2.33 0.61 3.84
N ILE A 117 2.93 1.52 3.06
CA ILE A 117 3.41 1.12 1.72
C ILE A 117 4.92 0.88 1.76
N GLN A 118 5.54 0.90 2.94
CA GLN A 118 7.01 0.69 3.00
C GLN A 118 7.71 1.62 2.01
N ILE A 119 7.41 2.91 2.13
CA ILE A 119 8.05 3.94 1.28
C ILE A 119 9.55 3.86 1.53
N SER A 120 10.33 3.84 0.46
CA SER A 120 11.79 3.60 0.47
C SER A 120 12.50 4.57 -0.46
N TYR A 121 13.75 4.89 -0.09
CA TYR A 121 14.74 5.67 -0.90
C TYR A 121 14.47 7.15 -0.74
N ASN A 122 15.56 7.90 -0.70
CA ASN A 122 15.51 9.38 -0.59
C ASN A 122 14.65 10.00 -1.69
N TYR A 123 14.66 9.49 -2.93
CA TYR A 123 13.81 10.04 -4.01
C TYR A 123 12.34 10.05 -3.57
N ASN A 124 11.85 8.93 -3.03
CA ASN A 124 10.42 8.81 -2.67
C ASN A 124 10.10 9.61 -1.41
N TYR A 125 10.99 9.58 -0.42
CA TYR A 125 10.72 10.40 0.77
C TYR A 125 10.66 11.87 0.34
N GLY A 126 11.59 12.27 -0.53
CA GLY A 126 11.61 13.65 -1.04
C GLY A 126 10.36 13.99 -1.82
N LEU A 127 10.02 13.15 -2.81
CA LEU A 127 8.84 13.44 -3.68
C LEU A 127 7.57 13.53 -2.83
N CYS A 128 7.36 12.56 -1.93
CA CYS A 128 6.18 12.49 -1.07
C CYS A 128 6.16 13.68 -0.09
N GLY A 129 7.30 13.95 0.54
CA GLY A 129 7.42 15.08 1.49
C GLY A 129 6.98 16.37 0.84
N ALA A 130 7.41 16.59 -0.39
CA ALA A 130 7.06 17.80 -1.19
C ALA A 130 5.56 17.81 -1.42
N ALA A 131 4.99 16.66 -1.79
CA ALA A 131 3.53 16.53 -2.06
C ALA A 131 2.69 16.74 -0.81
N ILE A 132 3.03 16.17 0.36
CA ILE A 132 2.18 16.24 1.59
C ILE A 132 2.65 17.35 2.55
N ASN A 133 3.63 18.15 2.14
CA ASN A 133 4.22 19.25 2.95
C ASN A 133 4.66 18.71 4.32
N GLN A 134 5.54 17.71 4.33
CA GLN A 134 6.19 17.15 5.53
C GLN A 134 7.68 17.00 5.25
N PRO A 135 8.54 17.24 6.27
CA PRO A 135 10.00 17.21 6.04
C PRO A 135 10.55 15.78 6.10
N LEU A 136 10.14 14.94 5.16
CA LEU A 136 10.47 13.51 5.20
C LEU A 136 11.91 13.29 4.73
N LEU A 137 12.47 14.17 3.91
CA LEU A 137 13.87 13.97 3.46
C LEU A 137 14.83 14.21 4.62
N SER A 138 14.53 15.23 5.41
CA SER A 138 15.37 15.58 6.57
C SER A 138 15.05 14.68 7.75
N ASN A 139 13.81 14.21 7.88
CA ASN A 139 13.31 13.48 9.07
C ASN A 139 12.49 12.29 8.60
N PRO A 140 13.11 11.34 7.88
CA PRO A 140 12.35 10.21 7.33
C PRO A 140 11.69 9.36 8.43
N GLY A 141 12.26 9.40 9.63
CA GLY A 141 11.70 8.74 10.83
C GLY A 141 10.27 9.13 11.12
N LEU A 142 9.81 10.31 10.73
CA LEU A 142 8.39 10.74 10.93
C LEU A 142 7.45 9.66 10.41
N VAL A 143 7.85 8.93 9.37
CA VAL A 143 6.92 7.96 8.72
C VAL A 143 6.69 6.78 9.68
N ALA A 144 7.60 6.53 10.66
CA ALA A 144 7.40 5.43 11.63
C ALA A 144 7.07 5.97 13.02
N SER A 145 7.17 7.28 13.28
CA SER A 145 6.94 7.87 14.62
C SER A 145 5.55 8.53 14.67
N ASP A 146 4.98 8.88 13.52
CA ASP A 146 3.72 9.63 13.47
C ASP A 146 2.73 8.90 12.55
N ALA A 147 1.69 8.29 13.14
CA ALA A 147 0.74 7.43 12.39
C ALA A 147 -0.02 8.22 11.33
N ASP A 148 -0.37 9.49 11.55
CA ASP A 148 -1.07 10.24 10.48
C ASP A 148 -0.13 10.38 9.30
N ILE A 149 1.10 10.80 9.54
CA ILE A 149 2.12 10.92 8.47
C ILE A 149 2.31 9.54 7.81
N SER A 150 2.40 8.48 8.60
CA SER A 150 2.65 7.12 8.09
C SER A 150 1.57 6.81 7.03
N PHE A 151 0.29 6.92 7.43
CA PHE A 151 -0.85 6.70 6.51
C PHE A 151 -0.80 7.67 5.34
N GLU A 152 -0.49 8.96 5.57
CA GLU A 152 -0.36 9.93 4.45
C GLU A 152 0.66 9.47 3.38
N THR A 153 1.81 8.90 3.77
CA THR A 153 2.77 8.41 2.75
C THR A 153 2.15 7.34 1.86
N ALA A 154 1.43 6.42 2.48
CA ALA A 154 0.84 5.29 1.75
C ALA A 154 -0.29 5.78 0.81
N ILE A 155 -1.11 6.71 1.28
CA ILE A 155 -2.25 7.20 0.44
C ILE A 155 -1.68 8.12 -0.64
N TRP A 156 -0.69 8.96 -0.33
CA TRP A 156 0.06 9.70 -1.38
C TRP A 156 0.49 8.72 -2.47
N PHE A 157 1.15 7.62 -2.09
CA PHE A 157 1.68 6.72 -3.13
C PHE A 157 0.51 6.24 -3.99
N TRP A 158 -0.53 5.80 -3.29
CA TRP A 158 -1.76 5.19 -3.87
C TRP A 158 -2.36 6.12 -4.91
N MET A 159 -2.40 7.41 -4.61
CA MET A 159 -3.13 8.42 -5.42
C MET A 159 -2.28 8.98 -6.55
N THR A 160 -0.98 8.66 -6.66
CA THR A 160 -0.03 9.44 -7.50
C THR A 160 0.43 8.62 -8.71
N PRO A 161 0.09 9.03 -9.96
CA PRO A 161 0.68 8.40 -11.13
C PRO A 161 2.18 8.75 -11.15
N GLN A 162 3.00 7.88 -11.71
CA GLN A 162 4.46 8.09 -11.87
C GLN A 162 4.91 7.40 -13.16
N GLY A 163 5.53 8.15 -14.07
CA GLY A 163 6.10 7.63 -15.31
C GLY A 163 5.03 6.93 -16.12
N ASN A 164 5.23 5.66 -16.44
CA ASN A 164 4.30 4.86 -17.27
C ASN A 164 3.25 4.18 -16.38
N LYS A 165 3.22 4.46 -15.09
CA LYS A 165 2.27 3.80 -14.14
C LYS A 165 1.12 4.75 -13.86
N PRO A 166 -0.13 4.26 -13.94
CA PRO A 166 -1.27 5.07 -13.49
C PRO A 166 -1.20 5.09 -11.95
N SER A 167 -2.07 5.86 -11.29
CA SER A 167 -2.23 5.74 -9.83
C SER A 167 -2.91 4.39 -9.54
N CYS A 168 -2.59 3.78 -8.41
CA CYS A 168 -3.38 2.66 -7.85
C CYS A 168 -4.87 3.07 -7.76
N HIS A 169 -5.13 4.33 -7.41
CA HIS A 169 -6.49 4.89 -7.26
C HIS A 169 -7.26 4.75 -8.55
N ALA A 170 -6.66 5.15 -9.65
CA ALA A 170 -7.34 5.06 -10.97
C ALA A 170 -7.69 3.60 -11.25
N VAL A 171 -6.78 2.66 -10.99
CA VAL A 171 -7.03 1.22 -11.27
C VAL A 171 -8.15 0.73 -10.36
N ALA A 172 -8.10 1.08 -9.06
CA ALA A 172 -9.00 0.55 -8.04
C ALA A 172 -10.41 1.09 -8.22
N THR A 173 -10.56 2.23 -8.91
CA THR A 173 -11.87 2.90 -9.07
C THR A 173 -12.41 2.62 -10.49
N GLY A 174 -11.73 1.78 -11.26
CA GLY A 174 -12.13 1.45 -12.64
C GLY A 174 -12.01 2.60 -13.61
N GLN A 175 -11.01 3.47 -13.42
CA GLN A 175 -10.82 4.68 -14.23
C GLN A 175 -9.47 4.57 -14.96
N TRP A 176 -8.99 3.35 -15.18
CA TRP A 176 -7.71 3.10 -15.89
C TRP A 176 -7.95 2.23 -17.13
N ASN A 177 -7.58 2.78 -18.28
CA ASN A 177 -7.57 2.01 -19.55
C ASN A 177 -6.14 1.78 -20.01
N PRO A 178 -5.77 0.51 -20.28
CA PRO A 178 -4.43 0.17 -20.75
C PRO A 178 -4.12 0.85 -22.09
N SER A 179 -2.90 1.37 -22.22
CA SER A 179 -2.33 1.86 -23.49
C SER A 179 -2.00 0.65 -24.36
N SER A 180 -1.58 0.90 -25.61
CA SER A 180 -1.08 -0.16 -26.51
C SER A 180 0.08 -0.90 -25.86
N ALA A 181 1.00 -0.16 -25.23
CA ALA A 181 2.18 -0.67 -24.49
C ALA A 181 1.70 -1.62 -23.40
N ASP A 182 0.71 -1.18 -22.61
CA ASP A 182 0.15 -2.00 -21.51
C ASP A 182 -0.50 -3.26 -22.07
N GLN A 183 -1.28 -3.15 -23.17
CA GLN A 183 -1.96 -4.31 -23.78
C GLN A 183 -0.92 -5.32 -24.25
N ALA A 184 0.17 -4.86 -24.89
CA ALA A 184 1.27 -5.74 -25.36
C ALA A 184 1.92 -6.43 -24.16
N ALA A 185 1.95 -5.75 -23.02
CA ALA A 185 2.60 -6.25 -21.79
C ALA A 185 1.65 -7.18 -21.04
N GLY A 186 0.40 -7.31 -21.51
CA GLY A 186 -0.68 -8.08 -20.87
C GLY A 186 -1.07 -7.48 -19.52
N ARG A 187 -0.88 -6.17 -19.34
CA ARG A 187 -1.36 -5.45 -18.14
C ARG A 187 -2.84 -5.10 -18.29
N VAL A 188 -3.70 -5.87 -17.60
CA VAL A 188 -5.19 -5.77 -17.72
C VAL A 188 -5.74 -5.14 -16.45
N PRO A 189 -6.82 -4.32 -16.53
CA PRO A 189 -7.43 -3.75 -15.34
C PRO A 189 -7.74 -4.83 -14.30
N GLY A 190 -7.46 -4.53 -13.03
CA GLY A 190 -7.63 -5.51 -11.95
C GLY A 190 -6.63 -5.27 -10.84
N TYR A 191 -6.69 -6.07 -9.80
CA TYR A 191 -5.76 -6.00 -8.64
C TYR A 191 -4.34 -6.38 -9.07
N GLY A 192 -4.17 -7.25 -10.09
CA GLY A 192 -2.81 -7.66 -10.47
C GLY A 192 -1.99 -6.48 -10.92
N VAL A 193 -2.61 -5.58 -11.68
CA VAL A 193 -1.85 -4.40 -12.19
C VAL A 193 -1.52 -3.46 -11.00
N ILE A 194 -2.34 -3.45 -9.97
CA ILE A 194 -2.00 -2.67 -8.75
C ILE A 194 -0.73 -3.29 -8.16
N THR A 195 -0.62 -4.61 -8.06
CA THR A 195 0.61 -5.25 -7.55
C THR A 195 1.79 -4.76 -8.40
N ASN A 196 1.56 -4.71 -9.70
CA ASN A 196 2.63 -4.42 -10.70
C ASN A 196 3.10 -2.98 -10.48
N ILE A 197 2.17 -2.06 -10.24
CA ILE A 197 2.53 -0.65 -9.90
C ILE A 197 3.45 -0.64 -8.68
N ILE A 198 3.10 -1.44 -7.66
CA ILE A 198 3.78 -1.35 -6.34
C ILE A 198 5.17 -2.00 -6.42
N ASN A 199 5.27 -3.20 -7.02
CA ASN A 199 6.52 -3.97 -6.99
C ASN A 199 6.63 -4.98 -8.13
N GLY A 200 6.09 -4.64 -9.29
CA GLY A 200 6.05 -5.52 -10.47
C GLY A 200 7.43 -5.94 -10.93
N GLY A 201 8.41 -5.03 -10.82
CA GLY A 201 9.75 -5.34 -11.36
C GLY A 201 10.25 -6.63 -10.75
N VAL A 202 9.93 -6.85 -9.48
CA VAL A 202 10.32 -8.05 -8.68
C VAL A 202 9.30 -9.17 -8.85
N GLU A 203 8.00 -8.86 -8.82
CA GLU A 203 6.95 -9.86 -8.49
C GLU A 203 6.16 -10.31 -9.73
N CYS A 204 6.17 -9.54 -10.82
CA CYS A 204 5.23 -9.75 -11.92
C CYS A 204 5.92 -10.34 -13.16
N GLY A 205 5.14 -11.02 -13.99
CA GLY A 205 5.57 -11.52 -15.30
C GLY A 205 6.46 -12.73 -15.19
N GLN A 206 6.46 -13.45 -14.06
CA GLN A 206 7.37 -14.60 -13.83
C GLN A 206 6.54 -15.84 -13.47
N GLY A 207 5.23 -15.79 -13.67
CA GLY A 207 4.34 -16.89 -13.23
C GLY A 207 4.12 -16.89 -11.73
N GLU A 208 3.42 -17.92 -11.27
CA GLU A 208 2.94 -18.07 -9.87
C GLU A 208 4.05 -17.67 -8.88
N LYS A 209 3.77 -16.71 -7.99
CA LYS A 209 4.77 -16.21 -7.00
C LYS A 209 4.09 -15.92 -5.66
N ALA A 210 4.76 -16.26 -4.55
CA ALA A 210 4.22 -16.28 -3.18
C ALA A 210 3.76 -14.86 -2.79
N GLU A 211 4.57 -13.84 -3.12
CA GLU A 211 4.30 -12.45 -2.66
C GLU A 211 2.99 -11.98 -3.28
N VAL A 212 2.76 -12.30 -4.55
CA VAL A 212 1.58 -11.88 -5.34
C VAL A 212 0.33 -12.56 -4.78
N ALA A 213 0.41 -13.87 -4.52
CA ALA A 213 -0.65 -14.65 -3.87
C ALA A 213 -1.04 -14.02 -2.54
N ASN A 214 -0.06 -13.59 -1.75
CA ASN A 214 -0.22 -13.06 -0.39
C ASN A 214 -1.01 -11.75 -0.50
N ARG A 215 -0.63 -10.89 -1.45
CA ARG A 215 -1.40 -9.66 -1.70
C ARG A 215 -2.83 -10.03 -2.04
N ILE A 216 -3.02 -11.07 -2.86
CA ILE A 216 -4.40 -11.47 -3.26
C ILE A 216 -5.18 -11.94 -2.02
N GLY A 217 -4.54 -12.79 -1.19
CA GLY A 217 -5.20 -13.39 0.01
C GLY A 217 -5.80 -12.30 0.88
N PHE A 218 -5.01 -11.27 1.14
CA PHE A 218 -5.48 -10.10 1.94
C PHE A 218 -6.68 -9.46 1.27
N TYR A 219 -6.61 -9.11 -0.03
CA TYR A 219 -7.69 -8.45 -0.79
C TYR A 219 -8.99 -9.30 -0.77
N GLN A 220 -8.90 -10.60 -1.00
CA GLN A 220 -10.09 -11.49 -0.96
C GLN A 220 -10.73 -11.43 0.42
N ARG A 221 -9.92 -11.51 1.48
CA ARG A 221 -10.49 -11.50 2.86
C ARG A 221 -11.23 -10.18 3.09
N TYR A 222 -10.58 -9.07 2.71
CA TYR A 222 -11.16 -7.73 2.91
C TYR A 222 -12.39 -7.50 2.03
N CYS A 223 -12.38 -7.95 0.77
CA CYS A 223 -13.60 -7.91 -0.10
C CYS A 223 -14.79 -8.57 0.59
N SER A 224 -14.55 -9.67 1.28
CA SER A 224 -15.59 -10.44 2.00
C SER A 224 -16.07 -9.63 3.21
N ILE A 225 -15.15 -9.14 4.05
CA ILE A 225 -15.45 -8.24 5.21
C ILE A 225 -16.29 -7.05 4.71
N PHE A 226 -16.02 -6.50 3.52
CA PHE A 226 -16.78 -5.36 2.95
C PHE A 226 -18.05 -5.86 2.25
N GLY A 227 -18.20 -7.18 2.12
CA GLY A 227 -19.34 -7.80 1.39
C GLY A 227 -19.39 -7.42 -0.08
N ILE A 228 -18.25 -7.39 -0.76
CA ILE A 228 -18.16 -7.17 -2.23
C ILE A 228 -17.42 -8.35 -2.83
N SER A 229 -17.48 -8.46 -4.14
CA SER A 229 -16.75 -9.49 -4.93
C SER A 229 -15.42 -8.88 -5.41
N PRO A 230 -14.30 -9.62 -5.26
CA PRO A 230 -13.00 -9.17 -5.78
C PRO A 230 -12.88 -8.79 -7.26
N GLY A 231 -13.69 -9.35 -8.16
CA GLY A 231 -13.48 -9.12 -9.60
C GLY A 231 -12.19 -9.77 -10.09
N GLN A 232 -11.82 -9.56 -11.35
CA GLN A 232 -10.94 -10.51 -12.09
C GLN A 232 -9.55 -9.92 -12.26
N ASN A 233 -8.64 -10.75 -12.77
CA ASN A 233 -7.26 -10.30 -13.07
C ASN A 233 -6.61 -9.92 -11.75
N LEU A 234 -6.67 -10.86 -10.81
CA LEU A 234 -6.20 -10.61 -9.42
C LEU A 234 -4.68 -10.67 -9.40
N ASP A 235 -4.07 -11.40 -10.34
CA ASP A 235 -2.62 -11.69 -10.31
C ASP A 235 -1.94 -10.92 -11.45
N CYS A 236 -0.62 -10.77 -11.33
CA CYS A 236 0.23 -10.18 -12.41
C CYS A 236 1.22 -11.23 -12.93
N TYR A 237 0.83 -12.51 -12.89
CA TYR A 237 1.76 -13.61 -13.23
C TYR A 237 2.20 -13.54 -14.69
N ASN A 238 1.35 -13.03 -15.57
CA ASN A 238 1.60 -13.00 -17.04
C ASN A 238 1.75 -11.55 -17.47
N GLN A 239 1.99 -10.63 -16.51
CA GLN A 239 2.13 -9.20 -16.86
C GLN A 239 3.60 -8.81 -16.87
N ARG A 240 4.07 -8.20 -17.97
CA ARG A 240 5.42 -7.59 -17.99
C ARG A 240 5.42 -6.50 -16.93
N PRO A 241 6.50 -6.35 -16.13
CA PRO A 241 6.64 -5.22 -15.21
C PRO A 241 6.65 -3.90 -15.97
N PHE A 242 6.26 -2.82 -15.29
CA PHE A 242 6.33 -1.43 -15.82
C PHE A 242 7.79 -1.00 -15.96
N SER A 243 8.67 -1.48 -15.08
CA SER A 243 10.06 -0.98 -14.94
C SER A 243 11.03 -2.12 -14.66
C ACY B . -9.63 -3.95 -8.48
O ACY B . -10.70 -4.64 -8.66
OXT ACY B . -9.01 -3.89 -7.39
CH3 ACY B . -9.10 -3.15 -9.66
#